data_6DX5
#
_entry.id   6DX5
#
_cell.length_a   70.276
_cell.length_b   70.276
_cell.length_c   176.258
_cell.angle_alpha   90.00
_cell.angle_beta   90.00
_cell.angle_gamma   90.00
#
_symmetry.space_group_name_H-M   'P 41 21 2'
#
loop_
_entity.id
_entity.type
_entity.pdbx_description
1 polymer 'RNA-dependent RNA polymerase'
2 non-polymer 2,3-DIHYDROXY-1,4-DITHIOBUTANE
3 water water
#
_entity_poly.entity_id   1
_entity_poly.type   'polypeptide(L)'
_entity_poly.pdbx_seq_one_letter_code
;MEDINWQLFGPNLYTSMVKIAIPDFFERIRVKGDGNCFFRAFAYLFFDTEEMWDTVKGTALGYARQHWSECHGAKGVYNY
RAENEIKSEKALYSSVLRGNATENVTRRGLDLYLEDATKEGYWGGTDEAEMLASALNVTIVIWNVNTDMKVLDVQKFGTD
SVPRAFNIVRCGAHFDALKLINQHGTEAATVSTKSGSHHHHHH
;
_entity_poly.pdbx_strand_id   B,A
#
# COMPACT_ATOMS: atom_id res chain seq x y z
N GLU A 2 -26.02 -5.41 8.58
CA GLU A 2 -26.07 -4.01 8.15
C GLU A 2 -26.21 -3.02 9.34
N ASP A 3 -27.21 -3.23 10.19
CA ASP A 3 -27.52 -2.33 11.31
C ASP A 3 -26.71 -2.73 12.54
N ILE A 4 -25.82 -1.84 12.95
CA ILE A 4 -24.91 -2.04 14.06
C ILE A 4 -25.41 -1.24 15.26
N ASN A 5 -25.36 -1.83 16.45
CA ASN A 5 -25.77 -1.10 17.65
C ASN A 5 -24.51 -0.58 18.35
N TRP A 6 -24.39 0.73 18.39
CA TRP A 6 -23.25 1.43 18.93
C TRP A 6 -23.49 1.76 20.39
N GLN A 7 -22.51 1.49 21.24
CA GLN A 7 -22.57 1.82 22.66
C GLN A 7 -21.72 3.05 22.90
N LEU A 8 -22.28 4.05 23.60
CA LEU A 8 -21.47 5.21 23.96
C LEU A 8 -20.32 4.75 24.84
N PHE A 9 -19.17 5.30 24.58
CA PHE A 9 -17.93 4.83 25.18
C PHE A 9 -17.08 5.97 25.68
N GLY A 10 -17.36 7.19 25.26
CA GLY A 10 -16.63 8.37 25.65
C GLY A 10 -17.31 9.53 24.95
N PRO A 11 -16.82 10.75 25.17
CA PRO A 11 -17.48 11.90 24.52
C PRO A 11 -17.35 11.77 23.00
N ASN A 12 -18.50 11.70 22.32
CA ASN A 12 -18.55 11.55 20.86
C ASN A 12 -17.86 10.27 20.40
N LEU A 13 -17.78 9.23 21.24
CA LEU A 13 -17.02 8.01 20.93
C LEU A 13 -17.88 6.77 21.22
N TYR A 14 -18.01 5.91 20.22
CA TYR A 14 -18.86 4.73 20.26
C TYR A 14 -18.04 3.48 19.98
N THR A 15 -18.54 2.37 20.48
CA THR A 15 -17.93 1.09 20.25
C THR A 15 -19.03 0.09 19.93
N SER A 16 -18.61 -1.02 19.35
CA SER A 16 -19.52 -2.07 18.95
C SER A 16 -18.75 -3.39 18.88
N MET A 17 -19.45 -4.47 19.20
CA MET A 17 -18.90 -5.82 19.09
C MET A 17 -19.45 -6.56 17.88
N VAL A 18 -19.93 -5.81 16.89
CA VAL A 18 -20.30 -6.40 15.62
C VAL A 18 -19.06 -7.05 15.00
N LYS A 19 -19.21 -8.28 14.52
CA LYS A 19 -18.09 -9.07 14.04
C LYS A 19 -18.33 -9.39 12.57
N ILE A 20 -17.39 -8.97 11.74
CA ILE A 20 -17.51 -9.01 10.30
C ILE A 20 -16.17 -9.46 9.73
N ALA A 21 -16.18 -9.87 8.47
CA ALA A 21 -15.01 -9.91 7.63
C ALA A 21 -14.97 -8.62 6.80
N ILE A 22 -13.92 -7.82 6.97
CA ILE A 22 -13.76 -6.55 6.21
C ILE A 22 -13.84 -6.73 4.69
N PRO A 23 -13.19 -7.73 4.07
CA PRO A 23 -13.24 -7.78 2.59
C PRO A 23 -14.62 -8.06 2.01
N ASP A 24 -15.58 -8.54 2.82
CA ASP A 24 -16.96 -8.71 2.34
C ASP A 24 -17.73 -7.40 2.17
N PHE A 25 -17.26 -6.28 2.75
CA PHE A 25 -17.95 -4.99 2.69
C PHE A 25 -17.09 -3.84 2.18
N PHE A 26 -15.76 -3.95 2.23
CA PHE A 26 -14.88 -2.85 1.90
C PHE A 26 -13.78 -3.28 0.96
N GLU A 27 -13.33 -2.35 0.14
CA GLU A 27 -12.04 -2.49 -0.50
C GLU A 27 -11.05 -1.72 0.38
N ARG A 28 -9.89 -2.30 0.59
CA ARG A 28 -8.88 -1.71 1.45
C ARG A 28 -7.81 -1.08 0.56
N ILE A 29 -7.41 0.15 0.89
CA ILE A 29 -6.40 0.88 0.11
C ILE A 29 -5.19 1.05 1.03
N ARG A 30 -4.08 0.44 0.64
CA ARG A 30 -2.85 0.50 1.43
C ARG A 30 -2.17 1.86 1.31
N VAL A 31 -1.67 2.39 2.43
CA VAL A 31 -0.91 3.65 2.44
C VAL A 31 0.50 3.33 2.90
N LYS A 32 1.42 4.26 2.69
CA LYS A 32 2.83 4.04 3.03
C LYS A 32 2.95 3.59 4.50
N GLY A 33 3.84 2.62 4.77
CA GLY A 33 3.97 2.13 6.14
C GLY A 33 4.96 2.89 7.02
N ASP A 34 4.80 4.18 7.20
CA ASP A 34 5.62 4.92 8.15
C ASP A 34 4.72 5.36 9.32
N GLY A 35 5.25 6.22 10.20
CA GLY A 35 4.52 6.69 11.37
C GLY A 35 3.36 7.62 11.06
N ASN A 36 3.26 8.11 9.80
CA ASN A 36 2.16 8.96 9.35
C ASN A 36 0.99 8.18 8.73
N CYS A 37 0.97 6.84 8.85
CA CYS A 37 -0.03 6.08 8.12
C CYS A 37 -1.47 6.43 8.51
N PHE A 38 -1.75 6.73 9.81
CA PHE A 38 -3.10 7.19 10.14
C PHE A 38 -3.44 8.47 9.37
N PHE A 39 -2.55 9.45 9.42
CA PHE A 39 -2.83 10.69 8.67
C PHE A 39 -2.99 10.39 7.19
N ARG A 40 -2.16 9.46 6.64
CA ARG A 40 -2.22 9.12 5.22
C ARG A 40 -3.53 8.42 4.86
N ALA A 41 -3.95 7.50 5.72
CA ALA A 41 -5.24 6.83 5.50
C ALA A 41 -6.37 7.85 5.50
N PHE A 42 -6.39 8.74 6.48
CA PHE A 42 -7.49 9.69 6.48
C PHE A 42 -7.35 10.65 5.30
N ALA A 43 -6.14 11.12 5.01
CA ALA A 43 -6.00 12.01 3.87
C ALA A 43 -6.46 11.33 2.56
N TYR A 44 -6.20 10.03 2.43
CA TYR A 44 -6.65 9.36 1.22
C TYR A 44 -8.17 9.40 1.09
N LEU A 45 -8.91 9.13 2.18
CA LEU A 45 -10.37 9.13 2.08
C LEU A 45 -10.90 10.54 1.95
N PHE A 46 -10.32 11.48 2.70
CA PHE A 46 -10.94 12.77 2.83
C PHE A 46 -10.55 13.68 1.67
N PHE A 47 -9.27 13.69 1.27
CA PHE A 47 -8.77 14.55 0.20
C PHE A 47 -8.36 13.79 -1.07
N ASP A 48 -8.61 12.48 -1.12
CA ASP A 48 -8.29 11.64 -2.29
C ASP A 48 -6.80 11.58 -2.57
N THR A 49 -5.96 11.90 -1.59
CA THR A 49 -4.55 11.63 -1.78
C THR A 49 -3.87 11.48 -0.43
N GLU A 50 -2.99 10.49 -0.30
CA GLU A 50 -2.26 10.37 0.95
C GLU A 50 -1.17 11.43 1.08
N GLU A 51 -0.92 12.23 0.04
CA GLU A 51 0.09 13.27 0.19
C GLU A 51 -0.42 14.52 0.93
N MET A 52 -1.72 14.63 1.19
CA MET A 52 -2.19 15.65 2.11
C MET A 52 -2.20 15.19 3.55
N TRP A 53 -1.41 14.16 3.88
CA TRP A 53 -1.36 13.73 5.28
C TRP A 53 -0.89 14.86 6.21
N ASP A 54 -0.06 15.77 5.70
CA ASP A 54 0.53 16.82 6.52
C ASP A 54 -0.50 17.89 6.85
N THR A 55 -1.39 18.20 5.89
CA THR A 55 -2.53 19.07 6.17
C THR A 55 -3.48 18.43 7.18
N VAL A 56 -3.65 17.11 7.07
CA VAL A 56 -4.47 16.40 8.05
C VAL A 56 -3.81 16.49 9.43
N LYS A 57 -2.50 16.23 9.50
CA LYS A 57 -1.83 16.35 10.77
C LYS A 57 -1.98 17.79 11.32
N GLY A 58 -1.70 18.79 10.48
CA GLY A 58 -1.82 20.19 10.89
C GLY A 58 -3.23 20.52 11.37
N THR A 59 -4.24 19.90 10.75
CA THR A 59 -5.61 20.11 11.19
C THR A 59 -5.81 19.58 12.60
N ALA A 60 -5.31 18.38 12.86
CA ALA A 60 -5.50 17.75 14.16
C ALA A 60 -4.81 18.56 15.23
N LEU A 61 -3.56 18.96 14.99
CA LEU A 61 -2.82 19.68 16.04
C LEU A 61 -3.35 21.11 16.21
N GLY A 62 -3.76 21.77 15.13
CA GLY A 62 -4.32 23.11 15.30
C GLY A 62 -5.61 23.06 16.10
N TYR A 63 -6.44 22.04 15.82
CA TYR A 63 -7.63 21.80 16.62
C TYR A 63 -7.27 21.62 18.09
N ALA A 64 -6.24 20.83 18.39
CA ALA A 64 -5.88 20.61 19.79
C ALA A 64 -5.45 21.90 20.49
N ARG A 65 -4.70 22.78 19.80
CA ARG A 65 -4.28 24.06 20.40
C ARG A 65 -5.49 24.88 20.83
N GLN A 66 -6.55 24.83 20.05
CA GLN A 66 -7.71 25.66 20.28
C GLN A 66 -8.76 24.99 21.16
N HIS A 67 -8.79 23.65 21.23
CA HIS A 67 -9.85 22.90 21.88
C HIS A 67 -9.29 21.85 22.80
N TRP A 68 -8.24 22.19 23.51
CA TRP A 68 -7.51 21.20 24.28
C TRP A 68 -8.44 20.44 25.20
N SER A 69 -9.44 21.11 25.75
CA SER A 69 -10.26 20.43 26.74
C SER A 69 -11.24 19.43 26.11
N GLU A 70 -11.38 19.41 24.77
CA GLU A 70 -12.22 18.42 24.11
C GLU A 70 -11.39 17.26 23.56
N CYS A 71 -10.07 17.31 23.72
CA CYS A 71 -9.18 16.25 23.24
C CYS A 71 -9.05 15.20 24.34
N HIS A 72 -10.16 14.47 24.54
CA HIS A 72 -10.28 13.64 25.73
C HIS A 72 -9.21 12.56 25.78
N GLY A 73 -8.95 11.89 24.65
CA GLY A 73 -7.93 10.86 24.64
C GLY A 73 -6.56 11.41 25.01
N ALA A 74 -6.11 12.44 24.28
CA ALA A 74 -4.76 12.93 24.52
C ALA A 74 -4.63 13.66 25.86
N LYS A 75 -5.63 14.46 26.24
CA LYS A 75 -5.50 15.25 27.46
C LYS A 75 -5.48 14.35 28.67
N GLY A 76 -6.14 13.20 28.63
CA GLY A 76 -6.04 12.27 29.74
C GLY A 76 -4.59 11.96 30.04
N VAL A 77 -3.78 11.76 29.00
CA VAL A 77 -2.38 11.40 29.20
C VAL A 77 -1.55 12.62 29.58
N TYR A 78 -1.59 13.68 28.72
CA TYR A 78 -0.61 14.76 28.88
C TYR A 78 -0.91 15.72 30.04
N ASN A 79 -2.18 15.93 30.39
CA ASN A 79 -2.50 16.71 31.59
C ASN A 79 -2.07 16.00 32.86
N TYR A 80 -2.14 14.66 32.88
CA TYR A 80 -1.62 13.96 34.03
C TYR A 80 -0.10 14.08 34.10
N ARG A 81 0.58 14.00 32.93
CA ARG A 81 2.04 14.11 32.97
C ARG A 81 2.49 15.50 33.35
N ALA A 82 1.78 16.54 32.89
CA ALA A 82 2.08 17.90 33.31
C ALA A 82 1.97 18.04 34.82
N GLU A 83 0.89 17.55 35.43
CA GLU A 83 0.69 17.77 36.85
C GLU A 83 1.68 16.99 37.71
N ASN A 84 2.33 15.94 37.18
CA ASN A 84 3.41 15.29 37.90
C ASN A 84 4.77 15.90 37.59
N GLU A 85 4.92 16.59 36.46
CA GLU A 85 6.10 17.41 36.26
C GLU A 85 6.14 18.57 37.26
N ILE A 86 4.97 19.15 37.55
CA ILE A 86 4.89 20.34 38.39
C ILE A 86 5.24 20.02 39.85
N LYS A 87 4.78 18.86 40.35
CA LYS A 87 5.11 18.43 41.70
C LYS A 87 6.60 18.18 41.90
N SER A 88 7.42 18.24 40.85
CA SER A 88 8.85 17.96 40.96
C SER A 88 9.70 19.22 40.78
N THR A 102 -5.68 24.40 38.68
CA THR A 102 -6.29 23.46 37.73
C THR A 102 -6.02 23.86 36.27
N GLU A 103 -5.39 25.02 36.12
CA GLU A 103 -5.31 25.77 34.87
C GLU A 103 -3.90 25.87 34.31
N ASN A 104 -2.90 26.08 35.16
CA ASN A 104 -1.51 25.94 34.76
C ASN A 104 -1.23 24.51 34.29
N VAL A 105 -1.94 23.53 34.86
CA VAL A 105 -1.71 22.13 34.51
C VAL A 105 -2.10 21.87 33.06
N THR A 106 -3.33 22.23 32.69
CA THR A 106 -3.79 21.89 31.36
C THR A 106 -3.02 22.66 30.28
N ARG A 107 -2.57 23.88 30.56
CA ARG A 107 -1.70 24.55 29.60
C ARG A 107 -0.39 23.80 29.41
N ARG A 108 0.22 23.37 30.52
CA ARG A 108 1.39 22.52 30.40
C ARG A 108 1.10 21.23 29.65
N GLY A 109 -0.09 20.64 29.89
CA GLY A 109 -0.40 19.35 29.25
C GLY A 109 -0.45 19.48 27.75
N LEU A 110 -1.08 20.54 27.26
CA LEU A 110 -1.11 20.77 25.81
C LEU A 110 0.28 20.96 25.26
N ASP A 111 1.13 21.74 25.94
CA ASP A 111 2.50 21.94 25.46
C ASP A 111 3.29 20.62 25.42
N LEU A 112 3.10 19.73 26.41
CA LEU A 112 3.75 18.43 26.33
C LEU A 112 3.23 17.64 25.13
N TYR A 113 1.92 17.65 24.90
CA TYR A 113 1.37 16.94 23.74
C TYR A 113 2.01 17.46 22.46
N LEU A 114 2.01 18.78 22.27
CA LEU A 114 2.57 19.36 21.05
C LEU A 114 4.06 19.02 20.90
N GLU A 115 4.81 18.99 22.00
CA GLU A 115 6.23 18.62 21.89
C GLU A 115 6.42 17.23 21.28
N ASP A 116 5.57 16.26 21.68
CA ASP A 116 5.65 14.94 21.04
C ASP A 116 5.07 14.98 19.66
N ALA A 117 3.87 15.57 19.52
CA ALA A 117 3.10 15.40 18.29
C ALA A 117 3.75 16.11 17.11
N THR A 118 4.46 17.20 17.34
CA THR A 118 5.00 17.94 16.21
C THR A 118 6.28 17.32 15.68
N LYS A 119 6.90 16.41 16.41
CA LYS A 119 8.06 15.68 15.87
C LYS A 119 7.70 14.98 14.58
N GLU A 120 8.68 14.87 13.66
CA GLU A 120 8.44 14.13 12.41
C GLU A 120 8.25 12.64 12.65
N GLY A 121 8.85 12.10 13.72
CA GLY A 121 8.73 10.69 14.04
C GLY A 121 7.48 10.28 14.79
N TYR A 122 6.53 11.19 14.98
CA TYR A 122 5.35 10.90 15.79
C TYR A 122 4.39 9.97 15.05
N TRP A 123 3.83 9.02 15.78
CA TRP A 123 2.88 8.06 15.24
C TRP A 123 1.45 8.54 15.53
N GLY A 124 0.81 9.12 14.52
CA GLY A 124 -0.58 9.50 14.67
C GLY A 124 -1.48 8.31 14.93
N GLY A 125 -2.66 8.55 15.53
CA GLY A 125 -3.56 7.44 15.84
C GLY A 125 -4.89 7.88 16.42
N THR A 126 -5.48 7.12 17.35
CA THR A 126 -6.84 7.44 17.80
C THR A 126 -6.93 8.81 18.50
N ASP A 127 -5.87 9.26 19.19
CA ASP A 127 -5.96 10.59 19.81
C ASP A 127 -6.25 11.62 18.75
N GLU A 128 -5.69 11.45 17.57
CA GLU A 128 -5.94 12.41 16.50
C GLU A 128 -7.21 12.10 15.71
N ALA A 129 -7.64 10.82 15.61
CA ALA A 129 -8.98 10.54 15.07
C ALA A 129 -10.04 11.35 15.82
N GLU A 130 -9.96 11.40 17.13
CA GLU A 130 -10.93 12.16 17.88
C GLU A 130 -10.88 13.65 17.49
N MET A 131 -9.68 14.19 17.29
CA MET A 131 -9.54 15.61 16.98
C MET A 131 -10.13 15.91 15.61
N LEU A 132 -9.77 15.06 14.63
CA LEU A 132 -10.22 15.26 13.25
C LEU A 132 -11.73 15.17 13.16
N ALA A 133 -12.34 14.22 13.91
CA ALA A 133 -13.78 14.06 13.84
C ALA A 133 -14.49 15.33 14.31
N SER A 134 -14.01 15.93 15.40
CA SER A 134 -14.58 17.18 15.88
C SER A 134 -14.17 18.35 15.00
N ALA A 135 -12.87 18.43 14.65
CA ALA A 135 -12.43 19.57 13.85
C ALA A 135 -13.21 19.66 12.54
N LEU A 136 -13.42 18.52 11.86
CA LEU A 136 -14.02 18.58 10.52
C LEU A 136 -15.50 18.24 10.54
N ASN A 137 -16.09 17.94 11.71
CA ASN A 137 -17.50 17.53 11.82
C ASN A 137 -17.82 16.28 10.99
N VAL A 138 -16.98 15.25 11.09
CA VAL A 138 -17.18 14.01 10.35
C VAL A 138 -17.12 12.87 11.34
N THR A 139 -17.49 11.69 10.85
CA THR A 139 -17.39 10.45 11.59
C THR A 139 -16.22 9.61 11.06
N ILE A 140 -15.38 9.15 11.97
CA ILE A 140 -14.28 8.27 11.61
C ILE A 140 -14.50 6.95 12.34
N VAL A 141 -14.44 5.85 11.59
CA VAL A 141 -14.59 4.51 12.14
C VAL A 141 -13.25 3.81 12.07
N ILE A 142 -12.80 3.23 13.19
CA ILE A 142 -11.53 2.49 13.26
C ILE A 142 -11.87 1.03 13.44
N TRP A 143 -11.54 0.20 12.47
CA TRP A 143 -11.80 -1.23 12.56
C TRP A 143 -10.48 -1.92 12.92
N ASN A 144 -10.44 -2.54 14.09
CA ASN A 144 -9.25 -3.25 14.50
C ASN A 144 -9.39 -4.69 14.03
N VAL A 145 -8.44 -5.15 13.24
CA VAL A 145 -8.57 -6.48 12.66
C VAL A 145 -7.35 -7.33 13.00
N ASN A 146 -7.52 -8.65 12.86
CA ASN A 146 -6.36 -9.50 13.03
C ASN A 146 -5.71 -9.62 11.66
N THR A 147 -4.76 -10.54 11.53
CA THR A 147 -3.94 -10.49 10.32
C THR A 147 -4.65 -11.07 9.10
N ASP A 148 -5.74 -11.83 9.29
CA ASP A 148 -6.62 -12.26 8.22
C ASP A 148 -7.85 -11.35 8.01
N MET A 149 -7.81 -10.12 8.52
CA MET A 149 -8.81 -9.08 8.27
C MET A 149 -10.19 -9.36 8.90
N LYS A 150 -10.29 -10.31 9.84
CA LYS A 150 -11.48 -10.47 10.68
C LYS A 150 -11.46 -9.45 11.79
N VAL A 151 -12.61 -8.84 12.05
CA VAL A 151 -12.72 -7.72 12.99
C VAL A 151 -12.57 -8.23 14.42
N LEU A 152 -11.73 -7.55 15.21
CA LEU A 152 -11.68 -7.83 16.64
C LEU A 152 -12.64 -6.91 17.40
N ASP A 153 -12.59 -5.61 17.14
CA ASP A 153 -13.60 -4.68 17.63
C ASP A 153 -13.48 -3.40 16.81
N VAL A 154 -14.38 -2.45 17.08
CA VAL A 154 -14.46 -1.27 16.24
C VAL A 154 -14.93 -0.10 17.09
N GLN A 155 -14.31 1.08 16.90
CA GLN A 155 -14.69 2.34 17.50
C GLN A 155 -15.07 3.32 16.41
N LYS A 156 -15.87 4.30 16.80
CA LYS A 156 -16.44 5.31 15.89
C LYS A 156 -16.41 6.65 16.63
N PHE A 157 -15.70 7.62 16.09
CA PHE A 157 -15.75 8.98 16.57
C PHE A 157 -16.76 9.71 15.71
N GLY A 158 -17.84 10.20 16.33
CA GLY A 158 -18.91 10.82 15.58
C GLY A 158 -20.16 9.97 15.58
N THR A 159 -21.26 10.58 15.13
CA THR A 159 -22.59 9.98 15.19
C THR A 159 -23.13 9.44 13.86
N ASP A 160 -22.43 9.61 12.74
CA ASP A 160 -22.96 9.09 11.48
C ASP A 160 -22.84 7.57 11.42
N SER A 161 -23.58 6.99 10.48
CA SER A 161 -23.52 5.55 10.26
C SER A 161 -22.30 5.21 9.43
N VAL A 162 -21.95 3.91 9.46
CA VAL A 162 -20.80 3.41 8.72
C VAL A 162 -20.77 3.88 7.28
N PRO A 163 -21.86 3.77 6.50
CA PRO A 163 -21.75 4.17 5.07
C PRO A 163 -21.59 5.68 4.88
N ARG A 164 -21.85 6.49 5.91
CA ARG A 164 -21.67 7.93 5.83
C ARG A 164 -20.41 8.39 6.58
N ALA A 165 -19.51 7.46 6.90
CA ALA A 165 -18.33 7.75 7.70
C ALA A 165 -17.06 7.48 6.90
N PHE A 166 -15.92 7.90 7.44
CA PHE A 166 -14.62 7.58 6.88
C PHE A 166 -14.12 6.38 7.65
N ASN A 167 -13.88 5.28 6.94
CA ASN A 167 -13.62 3.99 7.58
C ASN A 167 -12.14 3.69 7.44
N ILE A 168 -11.49 3.35 8.54
CA ILE A 168 -10.06 3.09 8.53
C ILE A 168 -9.85 1.75 9.19
N VAL A 169 -8.95 0.92 8.64
CA VAL A 169 -8.66 -0.37 9.24
C VAL A 169 -7.32 -0.25 9.94
N ARG A 170 -7.18 -0.93 11.07
CA ARG A 170 -5.96 -0.88 11.86
C ARG A 170 -5.52 -2.30 12.13
N CYS A 171 -4.30 -2.63 11.73
CA CYS A 171 -3.74 -3.97 11.97
C CYS A 171 -2.45 -3.79 12.76
N GLY A 172 -2.48 -4.09 14.06
CA GLY A 172 -1.42 -3.69 14.97
C GLY A 172 -1.14 -2.18 14.97
N ALA A 173 0.08 -1.82 14.62
CA ALA A 173 0.44 -0.41 14.58
C ALA A 173 0.03 0.25 13.27
N HIS A 174 -0.39 -0.51 12.26
CA HIS A 174 -0.52 0.06 10.93
C HIS A 174 -1.98 0.39 10.58
N PHE A 175 -2.20 1.55 9.96
CA PHE A 175 -3.52 1.97 9.51
C PHE A 175 -3.56 2.00 7.98
N ASP A 176 -4.66 1.51 7.37
CA ASP A 176 -4.95 1.70 5.93
C ASP A 176 -6.36 2.28 5.77
N ALA A 177 -6.70 2.70 4.54
CA ALA A 177 -8.03 3.25 4.26
C ALA A 177 -8.98 2.15 3.83
N LEU A 178 -10.29 2.33 4.08
CA LEU A 178 -11.35 1.41 3.60
C LEU A 178 -12.39 2.19 2.80
N LYS A 179 -12.77 1.67 1.63
CA LYS A 179 -13.92 2.21 0.91
C LYS A 179 -15.02 1.16 0.84
N LEU A 180 -16.25 1.58 1.08
CA LEU A 180 -17.36 0.66 1.07
C LEU A 180 -17.63 0.19 -0.36
N ILE A 181 -17.86 -1.12 -0.52
CA ILE A 181 -18.04 -1.68 -1.86
C ILE A 181 -19.34 -1.19 -2.50
N ASN A 182 -20.42 -1.06 -1.71
CA ASN A 182 -21.73 -0.78 -2.30
C ASN A 182 -21.78 0.58 -3.03
N GLN A 183 -21.11 1.61 -2.48
CA GLN A 183 -21.03 2.91 -3.15
C GLN A 183 -19.72 3.08 -3.91
N GLU B 2 2.29 12.61 -25.64
CA GLU B 2 1.93 11.32 -25.08
C GLU B 2 2.52 10.19 -25.91
N ASP B 3 2.84 10.47 -27.17
CA ASP B 3 3.42 9.46 -28.06
C ASP B 3 4.87 9.19 -27.65
N ILE B 4 5.19 7.92 -27.38
CA ILE B 4 6.48 7.50 -26.85
C ILE B 4 7.23 6.70 -27.90
N ASN B 5 8.51 7.00 -28.08
CA ASN B 5 9.39 6.25 -28.97
C ASN B 5 9.97 5.04 -28.23
N TRP B 6 9.69 3.84 -28.72
CA TRP B 6 10.15 2.58 -28.13
C TRP B 6 11.20 1.96 -29.05
N GLN B 7 12.39 1.66 -28.50
CA GLN B 7 13.45 1.00 -29.28
C GLN B 7 13.54 -0.47 -28.87
N LEU B 8 13.88 -1.33 -29.82
CA LEU B 8 13.92 -2.76 -29.55
C LEU B 8 15.15 -3.10 -28.72
N PHE B 9 14.98 -3.93 -27.69
CA PHE B 9 15.98 -4.13 -26.68
C PHE B 9 16.18 -5.61 -26.37
N GLY B 10 15.27 -6.45 -26.84
CA GLY B 10 15.43 -7.88 -26.81
C GLY B 10 14.14 -8.47 -27.35
N PRO B 11 14.03 -9.81 -27.38
CA PRO B 11 12.81 -10.44 -27.89
C PRO B 11 11.60 -9.99 -27.10
N ASN B 12 10.63 -9.41 -27.80
CA ASN B 12 9.38 -8.92 -27.20
C ASN B 12 9.65 -7.90 -26.09
N LEU B 13 10.77 -7.16 -26.17
CA LEU B 13 11.18 -6.27 -25.10
C LEU B 13 11.66 -4.95 -25.69
N TYR B 14 11.12 -3.83 -25.17
CA TYR B 14 11.42 -2.48 -25.64
C TYR B 14 11.87 -1.60 -24.48
N THR B 15 12.73 -0.62 -24.77
CA THR B 15 13.04 0.44 -23.81
C THR B 15 12.72 1.79 -24.43
N SER B 16 12.68 2.79 -23.57
CA SER B 16 12.48 4.17 -23.96
C SER B 16 13.27 5.07 -23.06
N MET B 17 13.63 6.24 -23.59
CA MET B 17 14.28 7.30 -22.83
C MET B 17 13.28 8.30 -22.25
N VAL B 18 11.98 8.14 -22.50
CA VAL B 18 10.99 9.12 -22.06
C VAL B 18 11.10 9.29 -20.55
N LYS B 19 11.19 10.54 -20.09
CA LYS B 19 11.23 10.83 -18.66
C LYS B 19 9.99 11.64 -18.30
N ILE B 20 9.18 11.08 -17.40
CA ILE B 20 7.98 11.72 -16.88
C ILE B 20 8.01 11.61 -15.37
N ALA B 21 7.12 12.37 -14.72
CA ALA B 21 6.71 12.09 -13.35
C ALA B 21 5.47 11.22 -13.43
N ILE B 22 5.57 10.04 -12.83
CA ILE B 22 4.42 9.12 -12.79
C ILE B 22 3.12 9.77 -12.30
N PRO B 23 3.10 10.53 -11.19
CA PRO B 23 1.82 11.01 -10.66
C PRO B 23 1.04 11.94 -11.59
N ASP B 24 1.63 12.46 -12.66
CA ASP B 24 0.86 13.31 -13.55
C ASP B 24 0.07 12.52 -14.59
N PHE B 25 0.23 11.21 -14.66
CA PHE B 25 -0.50 10.36 -15.59
C PHE B 25 -1.10 9.15 -14.93
N PHE B 26 -0.64 8.76 -13.73
CA PHE B 26 -1.06 7.51 -13.12
C PHE B 26 -1.47 7.73 -11.68
N GLU B 27 -2.40 6.90 -11.25
CA GLU B 27 -2.63 6.62 -9.84
C GLU B 27 -1.82 5.39 -9.45
N ARG B 28 -1.14 5.46 -8.34
CA ARG B 28 -0.37 4.33 -7.85
C ARG B 28 -1.16 3.60 -6.79
N ILE B 29 -1.23 2.27 -6.91
CA ILE B 29 -1.93 1.43 -5.94
C ILE B 29 -0.89 0.61 -5.18
N ARG B 30 -0.73 0.84 -3.89
CA ARG B 30 0.27 0.09 -3.15
C ARG B 30 -0.18 -1.35 -2.89
N VAL B 31 0.73 -2.31 -3.03
CA VAL B 31 0.47 -3.71 -2.68
C VAL B 31 1.35 -4.09 -1.48
N LYS B 32 1.06 -5.25 -0.89
CA LYS B 32 1.78 -5.61 0.33
C LYS B 32 3.29 -5.69 0.08
N GLY B 33 4.08 -5.12 1.00
CA GLY B 33 5.53 -5.18 0.93
C GLY B 33 6.18 -6.50 1.35
N ASP B 34 5.87 -7.61 0.69
CA ASP B 34 6.63 -8.84 0.90
C ASP B 34 7.33 -9.22 -0.42
N GLY B 35 7.92 -10.41 -0.45
CA GLY B 35 8.62 -10.86 -1.64
C GLY B 35 7.73 -11.16 -2.82
N ASN B 36 6.40 -11.14 -2.67
CA ASN B 36 5.49 -11.38 -3.78
C ASN B 36 4.98 -10.08 -4.43
N CYS B 37 5.58 -8.93 -4.12
CA CYS B 37 4.95 -7.66 -4.53
C CYS B 37 4.75 -7.58 -6.05
N PHE B 38 5.72 -8.06 -6.83
CA PHE B 38 5.51 -8.01 -8.29
C PHE B 38 4.28 -8.80 -8.68
N PHE B 39 4.15 -10.03 -8.15
CA PHE B 39 2.98 -10.87 -8.46
C PHE B 39 1.70 -10.19 -7.95
N ARG B 40 1.76 -9.52 -6.79
CA ARG B 40 0.56 -8.84 -6.28
C ARG B 40 0.18 -7.65 -7.15
N ALA B 41 1.16 -6.90 -7.59
CA ALA B 41 0.88 -5.73 -8.39
C ALA B 41 0.24 -6.15 -9.71
N PHE B 42 0.81 -7.16 -10.35
CA PHE B 42 0.21 -7.58 -11.59
C PHE B 42 -1.15 -8.22 -11.35
N ALA B 43 -1.28 -9.02 -10.28
CA ALA B 43 -2.60 -9.61 -10.01
C ALA B 43 -3.63 -8.51 -9.76
N TYR B 44 -3.23 -7.43 -9.11
CA TYR B 44 -4.19 -6.35 -8.87
C TYR B 44 -4.67 -5.76 -10.19
N LEU B 45 -3.76 -5.44 -11.11
CA LEU B 45 -4.20 -4.89 -12.42
C LEU B 45 -4.94 -5.92 -13.23
N PHE B 46 -4.46 -7.17 -13.23
CA PHE B 46 -5.02 -8.08 -14.23
C PHE B 46 -6.27 -8.77 -13.73
N PHE B 47 -6.33 -9.13 -12.46
CA PHE B 47 -7.46 -9.87 -11.90
C PHE B 47 -8.27 -9.03 -10.91
N ASP B 48 -7.86 -7.78 -10.65
CA ASP B 48 -8.52 -6.82 -9.75
C ASP B 48 -8.38 -7.18 -8.30
N THR B 49 -7.38 -8.01 -7.95
CA THR B 49 -7.09 -8.27 -6.56
C THR B 49 -5.68 -8.80 -6.41
N GLU B 50 -4.98 -8.26 -5.42
CA GLU B 50 -3.69 -8.77 -4.94
C GLU B 50 -3.74 -10.25 -4.63
N GLU B 51 -4.86 -10.72 -4.06
CA GLU B 51 -4.99 -12.09 -3.59
C GLU B 51 -4.78 -13.13 -4.70
N MET B 52 -4.83 -12.75 -5.97
CA MET B 52 -4.50 -13.74 -6.98
C MET B 52 -3.01 -13.76 -7.33
N TRP B 53 -2.13 -13.20 -6.46
CA TRP B 53 -0.71 -13.25 -6.77
C TRP B 53 -0.27 -14.71 -7.01
N ASP B 54 -0.88 -15.66 -6.31
CA ASP B 54 -0.39 -17.03 -6.39
C ASP B 54 -0.76 -17.64 -7.73
N THR B 55 -1.90 -17.22 -8.30
CA THR B 55 -2.27 -17.65 -9.64
C THR B 55 -1.35 -17.05 -10.69
N VAL B 56 -1.02 -15.78 -10.50
CA VAL B 56 -0.03 -15.13 -11.36
C VAL B 56 1.29 -15.87 -11.28
N LYS B 57 1.75 -16.15 -10.06
CA LYS B 57 3.01 -16.86 -9.92
C LYS B 57 2.96 -18.24 -10.60
N GLY B 58 1.86 -18.98 -10.42
CA GLY B 58 1.73 -20.29 -11.06
C GLY B 58 1.69 -20.19 -12.58
N THR B 59 1.10 -19.11 -13.10
CA THR B 59 1.06 -18.90 -14.55
C THR B 59 2.48 -18.69 -15.06
N ALA B 60 3.25 -17.83 -14.39
CA ALA B 60 4.61 -17.57 -14.83
C ALA B 60 5.46 -18.83 -14.78
N LEU B 61 5.42 -19.56 -13.67
CA LEU B 61 6.28 -20.75 -13.58
C LEU B 61 5.82 -21.85 -14.52
N GLY B 62 4.50 -22.00 -14.72
CA GLY B 62 4.00 -22.98 -15.68
C GLY B 62 4.44 -22.66 -17.10
N TYR B 63 4.48 -21.36 -17.44
CA TYR B 63 4.99 -20.97 -18.74
C TYR B 63 6.47 -21.29 -18.88
N ALA B 64 7.25 -21.03 -17.83
CA ALA B 64 8.67 -21.38 -17.91
C ALA B 64 8.86 -22.88 -18.15
N ARG B 65 8.09 -23.74 -17.45
CA ARG B 65 8.25 -25.20 -17.61
C ARG B 65 8.08 -25.62 -19.05
N GLN B 66 7.30 -24.86 -19.81
CA GLN B 66 6.88 -25.28 -21.13
C GLN B 66 7.56 -24.50 -22.26
N HIS B 67 8.10 -23.32 -21.99
CA HIS B 67 8.67 -22.45 -23.01
C HIS B 67 9.97 -21.88 -22.53
N TRP B 68 10.76 -22.72 -21.88
CA TRP B 68 12.00 -22.27 -21.25
C TRP B 68 12.86 -21.50 -22.23
N SER B 69 12.96 -22.01 -23.46
CA SER B 69 13.75 -21.38 -24.51
C SER B 69 13.28 -19.96 -24.86
N GLU B 70 12.11 -19.56 -24.39
CA GLU B 70 11.61 -18.21 -24.65
C GLU B 70 11.69 -17.30 -23.42
N CYS B 71 12.22 -17.79 -22.31
CA CYS B 71 12.42 -16.96 -21.14
C CYS B 71 13.85 -16.41 -21.14
N HIS B 72 14.10 -15.44 -22.03
CA HIS B 72 15.48 -15.01 -22.26
C HIS B 72 16.10 -14.40 -21.01
N GLY B 73 15.32 -13.63 -20.23
CA GLY B 73 15.86 -13.14 -18.97
C GLY B 73 16.26 -14.24 -17.99
N ALA B 74 15.35 -15.15 -17.66
CA ALA B 74 15.65 -16.19 -16.68
C ALA B 74 16.71 -17.16 -17.23
N LYS B 75 16.54 -17.62 -18.48
CA LYS B 75 17.48 -18.60 -19.02
C LYS B 75 18.87 -18.01 -19.20
N GLY B 76 18.98 -16.70 -19.45
CA GLY B 76 20.29 -16.11 -19.55
C GLY B 76 21.11 -16.35 -18.30
N VAL B 77 20.46 -16.29 -17.15
CA VAL B 77 21.15 -16.48 -15.88
C VAL B 77 21.30 -17.96 -15.57
N TYR B 78 20.20 -18.72 -15.69
CA TYR B 78 20.25 -20.08 -15.16
C TYR B 78 20.88 -21.07 -16.14
N ASN B 79 20.84 -20.82 -17.45
CA ASN B 79 21.51 -21.71 -18.39
C ASN B 79 23.03 -21.53 -18.31
N TYR B 80 23.47 -20.29 -18.12
CA TYR B 80 24.90 -20.02 -17.92
C TYR B 80 25.38 -20.76 -16.69
N ARG B 81 24.66 -20.62 -15.58
CA ARG B 81 25.09 -21.25 -14.35
C ARG B 81 24.99 -22.78 -14.43
N ALA B 82 24.10 -23.31 -15.26
CA ALA B 82 23.98 -24.76 -15.41
C ALA B 82 25.21 -25.37 -16.08
N GLU B 83 25.76 -24.71 -17.11
CA GLU B 83 27.02 -25.18 -17.70
C GLU B 83 28.14 -25.30 -16.68
N ASN B 84 28.17 -24.42 -15.68
CA ASN B 84 29.25 -24.41 -14.71
C ASN B 84 29.01 -25.33 -13.52
N GLU B 85 27.95 -26.15 -13.55
CA GLU B 85 27.88 -27.31 -12.65
C GLU B 85 28.21 -28.61 -13.36
N ILE B 86 28.01 -28.66 -14.68
CA ILE B 86 28.22 -29.89 -15.44
C ILE B 86 29.70 -30.26 -15.45
N LYS B 87 30.57 -29.30 -15.75
CA LYS B 87 32.00 -29.52 -15.65
C LYS B 87 32.52 -29.35 -14.22
N SER B 88 31.79 -29.89 -13.24
CA SER B 88 32.20 -29.86 -11.84
C SER B 88 32.00 -31.22 -11.16
N THR B 102 24.00 -29.42 -26.22
CA THR B 102 23.46 -28.29 -25.47
C THR B 102 21.99 -28.54 -25.09
N GLU B 103 21.55 -29.78 -25.34
CA GLU B 103 20.19 -30.19 -24.97
C GLU B 103 20.03 -30.26 -23.45
N ASN B 104 21.05 -30.75 -22.75
CA ASN B 104 20.90 -31.10 -21.34
C ASN B 104 21.35 -29.98 -20.39
N VAL B 105 22.10 -28.99 -20.87
CA VAL B 105 22.36 -27.84 -20.00
C VAL B 105 21.07 -27.06 -19.76
N THR B 106 20.36 -26.70 -20.84
CA THR B 106 19.14 -25.90 -20.73
C THR B 106 18.08 -26.62 -19.92
N ARG B 107 18.07 -27.96 -19.98
CA ARG B 107 17.22 -28.74 -19.09
C ARG B 107 17.62 -28.50 -17.64
N ARG B 108 18.90 -28.55 -17.35
CA ARG B 108 19.34 -28.34 -15.98
C ARG B 108 19.12 -26.90 -15.53
N GLY B 109 19.19 -25.95 -16.48
CA GLY B 109 18.99 -24.56 -16.14
C GLY B 109 17.55 -24.33 -15.70
N LEU B 110 16.60 -24.96 -16.42
CA LEU B 110 15.21 -24.86 -16.02
C LEU B 110 14.99 -25.43 -14.62
N ASP B 111 15.62 -26.57 -14.33
CA ASP B 111 15.55 -27.15 -12.99
C ASP B 111 16.04 -26.20 -11.93
N LEU B 112 17.18 -25.55 -12.18
CA LEU B 112 17.73 -24.65 -11.19
C LEU B 112 16.79 -23.46 -10.97
N TYR B 113 16.29 -22.88 -12.05
CA TYR B 113 15.30 -21.81 -11.93
C TYR B 113 14.11 -22.27 -11.10
N LEU B 114 13.51 -23.41 -11.46
CA LEU B 114 12.34 -23.84 -10.70
C LEU B 114 12.65 -24.08 -9.23
N GLU B 115 13.89 -24.50 -8.90
CA GLU B 115 14.20 -24.75 -7.49
C GLU B 115 14.19 -23.46 -6.70
N ASP B 116 14.70 -22.39 -7.30
CA ASP B 116 14.64 -21.08 -6.67
C ASP B 116 13.20 -20.53 -6.67
N ALA B 117 12.53 -20.55 -7.82
CA ALA B 117 11.28 -19.79 -7.95
C ALA B 117 10.16 -20.46 -7.15
N THR B 118 10.21 -21.77 -6.97
CA THR B 118 9.12 -22.40 -6.26
C THR B 118 9.16 -22.14 -4.77
N LYS B 119 10.30 -21.70 -4.23
CA LYS B 119 10.34 -21.35 -2.82
C LYS B 119 9.38 -20.21 -2.48
N GLU B 120 8.86 -20.25 -1.24
CA GLU B 120 7.96 -19.23 -0.76
C GLU B 120 8.65 -17.88 -0.66
N GLY B 121 9.96 -17.86 -0.46
CA GLY B 121 10.68 -16.61 -0.30
C GLY B 121 11.12 -15.95 -1.59
N TYR B 122 10.83 -16.53 -2.76
CA TYR B 122 11.34 -16.01 -4.02
C TYR B 122 10.79 -14.62 -4.31
N TRP B 123 11.65 -13.74 -4.87
CA TRP B 123 11.26 -12.38 -5.23
C TRP B 123 10.99 -12.30 -6.72
N GLY B 124 9.71 -12.28 -7.09
CA GLY B 124 9.36 -12.11 -8.49
C GLY B 124 9.82 -10.77 -9.01
N GLY B 125 10.12 -10.71 -10.30
CA GLY B 125 10.51 -9.44 -10.88
C GLY B 125 10.46 -9.49 -12.38
N THR B 126 11.45 -8.86 -13.00
CA THR B 126 11.45 -8.66 -14.45
C THR B 126 11.53 -9.97 -15.25
N ASP B 127 12.21 -11.03 -14.75
CA ASP B 127 12.19 -12.30 -15.47
C ASP B 127 10.76 -12.84 -15.61
N GLU B 128 9.95 -12.69 -14.57
CA GLU B 128 8.61 -13.21 -14.62
C GLU B 128 7.67 -12.28 -15.39
N ALA B 129 7.97 -10.98 -15.41
CA ALA B 129 7.17 -10.10 -16.26
C ALA B 129 7.25 -10.53 -17.73
N GLU B 130 8.43 -10.93 -18.18
CA GLU B 130 8.58 -11.44 -19.53
C GLU B 130 7.73 -12.69 -19.77
N MET B 131 7.66 -13.62 -18.78
CA MET B 131 6.89 -14.86 -18.96
C MET B 131 5.39 -14.57 -19.00
N LEU B 132 4.91 -13.63 -18.16
CA LEU B 132 3.49 -13.33 -18.12
C LEU B 132 3.04 -12.65 -19.40
N ALA B 133 3.86 -11.74 -19.92
CA ALA B 133 3.51 -11.05 -21.15
C ALA B 133 3.32 -12.03 -22.28
N SER B 134 4.23 -13.01 -22.40
CA SER B 134 4.03 -14.02 -23.45
C SER B 134 2.94 -15.02 -23.08
N ALA B 135 2.89 -15.47 -21.81
CA ALA B 135 1.90 -16.48 -21.42
C ALA B 135 0.49 -15.97 -21.68
N LEU B 136 0.23 -14.70 -21.34
CA LEU B 136 -1.12 -14.13 -21.41
C LEU B 136 -1.34 -13.27 -22.66
N ASN B 137 -0.30 -13.06 -23.47
CA ASN B 137 -0.43 -12.21 -24.66
C ASN B 137 -0.84 -10.77 -24.28
N VAL B 138 -0.16 -10.21 -23.28
CA VAL B 138 -0.39 -8.85 -22.84
C VAL B 138 0.92 -8.09 -22.84
N THR B 139 0.83 -6.79 -22.66
CA THR B 139 1.97 -5.90 -22.57
C THR B 139 2.13 -5.44 -21.13
N ILE B 140 3.33 -5.61 -20.58
CA ILE B 140 3.61 -5.16 -19.21
C ILE B 140 4.74 -4.14 -19.29
N VAL B 141 4.50 -2.94 -18.71
CA VAL B 141 5.49 -1.86 -18.68
C VAL B 141 6.04 -1.77 -17.26
N ILE B 142 7.36 -1.70 -17.11
CA ILE B 142 7.96 -1.54 -15.79
C ILE B 142 8.69 -0.23 -15.73
N TRP B 143 8.12 0.71 -14.98
CA TRP B 143 8.72 2.01 -14.72
C TRP B 143 9.59 1.93 -13.46
N ASN B 144 10.87 2.15 -13.60
CA ASN B 144 11.79 2.19 -12.47
C ASN B 144 11.96 3.65 -12.02
N VAL B 145 11.63 3.95 -10.76
CA VAL B 145 11.56 5.32 -10.28
C VAL B 145 12.40 5.46 -9.02
N ASN B 146 12.70 6.71 -8.66
CA ASN B 146 13.32 6.98 -7.37
C ASN B 146 12.21 7.28 -6.37
N THR B 147 12.62 7.73 -5.20
CA THR B 147 11.69 7.96 -4.10
C THR B 147 10.71 9.08 -4.42
N ASP B 148 11.14 10.09 -5.19
CA ASP B 148 10.20 11.12 -5.62
C ASP B 148 9.32 10.69 -6.81
N MET B 149 9.30 9.41 -7.18
CA MET B 149 8.45 8.92 -8.28
C MET B 149 8.85 9.52 -9.64
N LYS B 150 10.13 9.84 -9.82
CA LYS B 150 10.57 10.29 -11.12
C LYS B 150 11.19 9.12 -11.87
N VAL B 151 10.86 9.00 -13.15
CA VAL B 151 11.29 7.86 -13.95
C VAL B 151 12.80 7.85 -14.12
N LEU B 152 13.45 6.75 -13.68
CA LEU B 152 14.86 6.53 -13.99
C LEU B 152 15.03 5.77 -15.30
N ASP B 153 14.12 4.84 -15.59
CA ASP B 153 14.11 4.14 -16.86
C ASP B 153 12.80 3.35 -16.96
N VAL B 154 12.52 2.83 -18.15
CA VAL B 154 11.28 2.13 -18.44
C VAL B 154 11.55 1.10 -19.54
N GLN B 155 10.98 -0.07 -19.37
CA GLN B 155 11.03 -1.13 -20.35
C GLN B 155 9.64 -1.73 -20.41
N LYS B 156 9.42 -2.48 -21.47
CA LYS B 156 8.06 -2.89 -21.81
C LYS B 156 8.18 -4.23 -22.52
N PHE B 157 7.47 -5.24 -22.00
CA PHE B 157 7.35 -6.54 -22.63
C PHE B 157 6.04 -6.55 -23.40
N GLY B 158 6.09 -6.73 -24.71
CA GLY B 158 4.91 -6.68 -25.54
C GLY B 158 4.87 -5.42 -26.37
N THR B 159 3.91 -5.40 -27.31
CA THR B 159 3.87 -4.37 -28.35
C THR B 159 2.76 -3.33 -28.17
N ASP B 160 1.92 -3.43 -27.15
CA ASP B 160 0.84 -2.47 -26.97
C ASP B 160 1.38 -1.13 -26.48
N SER B 161 0.58 -0.07 -26.65
CA SER B 161 0.90 1.25 -26.11
C SER B 161 0.69 1.31 -24.59
N VAL B 162 1.26 2.36 -23.95
CA VAL B 162 1.14 2.49 -22.50
C VAL B 162 -0.32 2.48 -22.05
N PRO B 163 -1.27 3.16 -22.71
CA PRO B 163 -2.66 3.08 -22.24
C PRO B 163 -3.29 1.72 -22.45
N ARG B 164 -2.78 0.90 -23.37
CA ARG B 164 -3.34 -0.43 -23.57
C ARG B 164 -2.51 -1.50 -22.86
N ALA B 165 -1.71 -1.10 -21.87
CA ALA B 165 -0.79 -2.00 -21.20
C ALA B 165 -1.03 -2.01 -19.70
N PHE B 166 -0.52 -3.03 -19.04
CA PHE B 166 -0.51 -3.09 -17.59
C PHE B 166 0.78 -2.43 -17.10
N ASN B 167 0.64 -1.35 -16.35
CA ASN B 167 1.78 -0.54 -15.93
C ASN B 167 2.10 -0.80 -14.47
N ILE B 168 3.36 -1.14 -14.21
CA ILE B 168 3.89 -1.52 -12.90
C ILE B 168 4.98 -0.51 -12.54
N VAL B 169 5.14 -0.15 -11.27
CA VAL B 169 6.22 0.77 -10.90
C VAL B 169 7.18 0.02 -9.98
N ARG B 170 8.48 0.18 -10.21
CA ARG B 170 9.48 -0.40 -9.34
C ARG B 170 10.22 0.73 -8.62
N CYS B 171 10.37 0.62 -7.31
CA CYS B 171 11.20 1.54 -6.54
C CYS B 171 12.14 0.69 -5.70
N GLY B 172 13.40 0.58 -6.14
CA GLY B 172 14.31 -0.36 -5.51
C GLY B 172 13.78 -1.77 -5.66
N ALA B 173 13.58 -2.46 -4.56
CA ALA B 173 13.13 -3.84 -4.68
C ALA B 173 11.61 -3.97 -4.72
N HIS B 174 10.86 -2.90 -4.57
CA HIS B 174 9.43 -3.00 -4.33
C HIS B 174 8.64 -2.62 -5.59
N PHE B 175 7.66 -3.44 -5.98
CA PHE B 175 6.78 -3.13 -7.09
C PHE B 175 5.39 -2.74 -6.59
N ASP B 176 4.77 -1.74 -7.23
CA ASP B 176 3.35 -1.39 -7.03
C ASP B 176 2.64 -1.32 -8.39
N ALA B 177 1.30 -1.24 -8.37
CA ALA B 177 0.54 -1.14 -9.61
C ALA B 177 0.29 0.31 -9.96
N LEU B 178 0.17 0.61 -11.27
CA LEU B 178 -0.24 1.94 -11.73
C LEU B 178 -1.48 1.85 -12.60
N LYS B 179 -2.45 2.73 -12.39
CA LYS B 179 -3.56 2.89 -13.33
C LYS B 179 -3.52 4.30 -13.91
N LEU B 180 -3.73 4.40 -15.21
CA LEU B 180 -3.80 5.69 -15.87
C LEU B 180 -4.94 6.54 -15.30
N ILE B 181 -4.65 7.83 -15.09
CA ILE B 181 -5.62 8.72 -14.48
C ILE B 181 -6.83 8.88 -15.40
N ASN B 182 -6.63 9.43 -16.59
CA ASN B 182 -7.79 9.86 -17.40
C ASN B 182 -8.60 8.66 -17.90
N GLN B 183 -8.00 7.47 -17.96
CA GLN B 183 -8.68 6.26 -18.40
C GLN B 183 -8.30 5.06 -17.52
#